data_7MQY
#
_entry.id   7MQY
#
_cell.length_a   61.660
_cell.length_b   44.980
_cell.length_c   99.829
_cell.angle_alpha   90.000
_cell.angle_beta   95.840
_cell.angle_gamma   90.000
#
_symmetry.space_group_name_H-M   'P 1 21 1'
#
loop_
_entity.id
_entity.type
_entity.pdbx_description
1 polymer 'Fusion protein of CNTN4 and APLP2'
2 water water
#
_entity_poly.entity_id   1
_entity_poly.type   'polypeptide(L)'
_entity_poly.pdbx_seq_one_letter_code
;GPGSPPGPPTSIHVEEITDTTATLSWRPGPDNHSPITAYTIQARTPFSLGWQAVSTVPEVVGGSHLTATVIELNPWVEYE
FRVLASNAVGTGEPSKPSKKARTKDTVPKVTPANVSGGGGSRSELVITWEPVPEELQNGAGFGYVVAFRPFGSTGWMQAA
VPSPEASKYVFKNETILPFSPFQVKVGAYNNKGEGPFGPVITIYSAEGGGSGGGSGYIEALAANAGTGFAVAEPQVAMFC
GKLNMHINIQTGRWEPDPSGSKTCVGTKEGVLQYCQEIYPELQITNVVEANQPVKIENWCKKDKKQCKGHAHIVVPYKCL
VGEFVSDVLLVPEKCKFFHKERMDMCVSHQQWHGVAKEACSKGNMVLHSYGMLLPCGIDKFHGTEYVCCPSTRPEEPAPP
ASPSKAAA
;
_entity_poly.pdbx_strand_id   A
#
# COMPACT_ATOMS: atom_id res chain seq x y z
N PRO A 2 -24.87 -7.23 54.25
CA PRO A 2 -23.96 -6.30 54.96
C PRO A 2 -22.50 -6.52 54.56
N GLY A 3 -21.55 -5.84 55.20
CA GLY A 3 -20.17 -5.89 54.77
C GLY A 3 -19.89 -4.94 53.62
N SER A 4 -18.70 -5.09 53.05
CA SER A 4 -18.17 -4.12 52.10
C SER A 4 -17.50 -4.81 50.92
N PRO A 5 -17.65 -4.25 49.72
CA PRO A 5 -17.03 -4.85 48.52
C PRO A 5 -15.53 -4.60 48.51
N PRO A 6 -14.77 -5.25 47.64
CA PRO A 6 -13.32 -5.08 47.68
C PRO A 6 -12.92 -3.69 47.20
N GLY A 7 -11.66 -3.38 47.40
CA GLY A 7 -11.09 -2.17 46.85
C GLY A 7 -10.73 -2.36 45.39
N PRO A 8 -10.27 -1.29 44.77
CA PRO A 8 -9.83 -1.38 43.37
C PRO A 8 -8.40 -1.86 43.28
N PRO A 9 -8.10 -2.81 42.40
CA PRO A 9 -6.71 -3.19 42.16
C PRO A 9 -5.92 -2.03 41.56
N THR A 10 -4.60 -2.17 41.61
CA THR A 10 -3.69 -1.15 41.11
C THR A 10 -2.61 -1.79 40.23
N SER A 11 -1.88 -0.94 39.52
CA SER A 11 -0.72 -1.35 38.72
C SER A 11 -1.11 -2.39 37.66
N ILE A 12 -2.02 -1.98 36.78
CA ILE A 12 -2.40 -2.82 35.65
C ILE A 12 -1.29 -2.76 34.61
N HIS A 13 -0.55 -3.86 34.43
CA HIS A 13 0.49 -3.96 33.42
C HIS A 13 -0.02 -4.77 32.23
N VAL A 14 0.52 -4.45 31.05
CA VAL A 14 0.36 -5.27 29.86
C VAL A 14 1.64 -6.09 29.73
N GLU A 15 1.61 -7.34 30.18
CA GLU A 15 2.80 -8.18 30.12
C GLU A 15 3.13 -8.58 28.70
N GLU A 16 2.11 -8.89 27.90
CA GLU A 16 2.27 -9.32 26.51
C GLU A 16 0.97 -9.06 25.77
N ILE A 17 1.08 -8.76 24.48
CA ILE A 17 -0.09 -8.46 23.66
C ILE A 17 0.15 -9.02 22.26
N THR A 18 -0.90 -9.63 21.70
CA THR A 18 -0.84 -10.15 20.34
C THR A 18 -1.88 -9.49 19.44
N ASP A 19 -2.33 -10.21 18.41
CA ASP A 19 -3.33 -9.66 17.49
C ASP A 19 -4.73 -9.75 18.07
N THR A 20 -4.99 -10.76 18.92
CA THR A 20 -6.30 -10.93 19.53
C THR A 20 -6.26 -11.08 21.04
N THR A 21 -5.09 -11.20 21.65
CA THR A 21 -5.00 -11.41 23.08
C THR A 21 -4.16 -10.32 23.73
N ALA A 22 -4.26 -10.27 25.07
CA ALA A 22 -3.51 -9.33 25.89
C ALA A 22 -3.38 -9.93 27.28
N THR A 23 -2.14 -10.10 27.75
CA THR A 23 -1.88 -10.64 29.07
C THR A 23 -1.66 -9.50 30.05
N LEU A 24 -2.36 -9.56 31.18
CA LEU A 24 -2.39 -8.47 32.16
C LEU A 24 -1.95 -8.96 33.53
N SER A 25 -1.24 -8.09 34.26
CA SER A 25 -0.88 -8.32 35.65
C SER A 25 -1.34 -7.13 36.47
N TRP A 26 -1.54 -7.36 37.78
CA TRP A 26 -2.13 -6.32 38.61
C TRP A 26 -1.85 -6.59 40.08
N ARG A 27 -1.81 -5.50 40.86
CA ARG A 27 -1.68 -5.58 42.31
C ARG A 27 -3.06 -5.72 42.94
N PRO A 28 -3.24 -6.63 43.90
CA PRO A 28 -4.55 -6.76 44.55
C PRO A 28 -4.83 -5.58 45.47
N GLY A 29 -6.05 -5.05 45.38
CA GLY A 29 -6.47 -4.03 46.30
C GLY A 29 -6.91 -4.60 47.62
N PRO A 30 -7.36 -3.73 48.52
CA PRO A 30 -7.90 -4.20 49.79
C PRO A 30 -9.20 -4.96 49.58
N ASP A 31 -9.32 -6.10 50.27
CA ASP A 31 -10.51 -6.93 50.18
C ASP A 31 -11.54 -6.64 51.27
N ASN A 32 -11.18 -5.82 52.26
CA ASN A 32 -12.08 -5.46 53.36
C ASN A 32 -12.59 -6.70 54.08
N HIS A 33 -11.70 -7.66 54.30
CA HIS A 33 -11.89 -8.79 55.21
C HIS A 33 -12.90 -9.81 54.70
N SER A 34 -13.12 -9.84 53.39
CA SER A 34 -13.82 -10.93 52.73
C SER A 34 -12.94 -11.35 51.57
N PRO A 35 -12.56 -12.63 51.47
CA PRO A 35 -11.60 -13.04 50.44
C PRO A 35 -12.11 -12.70 49.05
N ILE A 36 -11.23 -12.15 48.22
CA ILE A 36 -11.59 -11.85 46.84
C ILE A 36 -11.90 -13.15 46.12
N THR A 37 -13.07 -13.21 45.47
CA THR A 37 -13.54 -14.41 44.81
C THR A 37 -13.25 -14.44 43.31
N ALA A 38 -13.28 -13.30 42.63
CA ALA A 38 -12.99 -13.30 41.20
C ALA A 38 -12.56 -11.92 40.74
N TYR A 39 -11.67 -11.91 39.76
CA TYR A 39 -11.30 -10.69 39.04
C TYR A 39 -11.95 -10.69 37.67
N THR A 40 -12.46 -9.53 37.26
CA THR A 40 -13.04 -9.33 35.93
C THR A 40 -12.35 -8.17 35.24
N ILE A 41 -12.23 -8.26 33.91
CA ILE A 41 -11.50 -7.30 33.11
C ILE A 41 -12.46 -6.51 32.24
N GLN A 42 -12.12 -5.25 31.97
CA GLN A 42 -12.87 -4.42 31.05
C GLN A 42 -11.90 -3.71 30.10
N ALA A 43 -12.41 -3.34 28.91
CA ALA A 43 -11.56 -2.78 27.87
C ALA A 43 -12.24 -1.60 27.19
N ARG A 44 -11.45 -0.59 26.83
CA ARG A 44 -11.95 0.62 26.19
C ARG A 44 -11.14 0.87 24.92
N THR A 45 -11.83 1.12 23.82
CA THR A 45 -11.23 1.49 22.53
C THR A 45 -11.94 2.73 22.02
N PRO A 46 -11.37 3.40 21.00
CA PRO A 46 -12.10 4.50 20.36
C PRO A 46 -13.40 4.06 19.70
N PHE A 47 -13.57 2.76 19.44
CA PHE A 47 -14.76 2.24 18.81
C PHE A 47 -15.65 1.44 19.76
N SER A 48 -15.14 1.07 20.93
CA SER A 48 -15.99 0.49 21.96
C SER A 48 -16.86 1.58 22.58
N LEU A 49 -18.16 1.30 22.71
CA LEU A 49 -19.10 2.29 23.26
C LEU A 49 -18.88 2.38 24.76
N GLY A 50 -17.81 3.08 25.14
CA GLY A 50 -17.40 3.18 26.53
C GLY A 50 -16.61 1.98 26.99
N TRP A 51 -16.83 1.56 28.23
CA TRP A 51 -16.15 0.39 28.77
C TRP A 51 -17.02 -0.86 28.59
N GLN A 52 -16.39 -1.96 28.15
CA GLN A 52 -17.09 -3.19 27.85
C GLN A 52 -16.38 -4.36 28.50
N ALA A 53 -17.16 -5.37 28.89
CA ALA A 53 -16.58 -6.58 29.46
C ALA A 53 -15.92 -7.42 28.38
N VAL A 54 -14.85 -8.11 28.76
CA VAL A 54 -14.08 -8.93 27.84
C VAL A 54 -14.02 -10.36 28.39
N SER A 55 -13.79 -11.30 27.48
CA SER A 55 -13.59 -12.70 27.84
C SER A 55 -12.13 -12.94 28.18
N THR A 56 -11.88 -13.94 29.02
CA THR A 56 -10.53 -14.28 29.46
C THR A 56 -10.33 -15.79 29.40
N VAL A 57 -9.07 -16.19 29.35
CA VAL A 57 -8.66 -17.55 29.68
C VAL A 57 -7.71 -17.46 30.87
N PRO A 58 -8.04 -18.04 32.03
CA PRO A 58 -9.22 -18.87 32.30
C PRO A 58 -10.55 -18.14 32.14
N GLU A 59 -11.60 -18.89 31.82
CA GLU A 59 -12.92 -18.29 31.58
C GLU A 59 -13.35 -17.42 32.75
N VAL A 60 -13.09 -17.86 33.98
CA VAL A 60 -13.28 -17.07 35.17
C VAL A 60 -11.94 -16.95 35.89
N VAL A 61 -11.60 -15.75 36.31
CA VAL A 61 -10.33 -15.50 36.97
C VAL A 61 -10.54 -15.57 38.48
N GLY A 62 -9.91 -16.55 39.12
CA GLY A 62 -10.09 -16.74 40.54
C GLY A 62 -9.37 -15.68 41.37
N GLY A 63 -9.80 -15.57 42.63
CA GLY A 63 -9.29 -14.52 43.51
C GLY A 63 -7.83 -14.65 43.86
N SER A 64 -7.23 -15.81 43.62
CA SER A 64 -5.81 -16.01 43.89
C SER A 64 -4.94 -15.76 42.67
N HIS A 65 -5.50 -15.25 41.57
CA HIS A 65 -4.78 -15.00 40.34
C HIS A 65 -4.53 -13.50 40.19
N LEU A 66 -3.26 -13.13 40.05
CA LEU A 66 -2.88 -11.75 39.77
C LEU A 66 -2.56 -11.52 38.29
N THR A 67 -2.84 -12.50 37.43
CA THR A 67 -2.60 -12.33 36.00
C THR A 67 -3.54 -13.22 35.21
N ALA A 68 -3.94 -12.72 34.04
CA ALA A 68 -4.78 -13.45 33.12
C ALA A 68 -4.58 -12.85 31.73
N THR A 69 -5.19 -13.49 30.73
CA THR A 69 -5.05 -13.04 29.36
C THR A 69 -6.43 -12.78 28.78
N VAL A 70 -6.61 -11.57 28.24
CA VAL A 70 -7.82 -11.21 27.51
C VAL A 70 -7.74 -11.81 26.11
N ILE A 71 -8.88 -12.25 25.58
CA ILE A 71 -8.91 -12.92 24.28
C ILE A 71 -9.93 -12.24 23.38
N GLU A 72 -9.96 -12.68 22.11
CA GLU A 72 -10.95 -12.24 21.12
C GLU A 72 -10.95 -10.72 20.96
N LEU A 73 -9.75 -10.13 20.92
CA LEU A 73 -9.63 -8.71 20.69
C LEU A 73 -9.54 -8.42 19.19
N ASN A 74 -9.71 -7.15 18.86
CA ASN A 74 -9.70 -6.71 17.47
C ASN A 74 -8.29 -6.32 17.08
N PRO A 75 -7.72 -6.91 16.02
CA PRO A 75 -6.36 -6.53 15.61
C PRO A 75 -6.30 -5.06 15.20
N TRP A 76 -5.15 -4.44 15.49
CA TRP A 76 -4.86 -3.06 15.08
C TRP A 76 -5.86 -2.06 15.68
N VAL A 77 -6.11 -2.19 16.98
CA VAL A 77 -7.00 -1.28 17.69
C VAL A 77 -6.34 -0.90 19.02
N GLU A 78 -6.44 0.39 19.37
CA GLU A 78 -5.85 0.89 20.61
C GLU A 78 -6.70 0.44 21.80
N TYR A 79 -6.07 -0.25 22.75
CA TYR A 79 -6.78 -0.82 23.89
C TYR A 79 -6.26 -0.25 25.21
N GLU A 80 -7.16 -0.14 26.17
CA GLU A 80 -6.81 0.08 27.56
C GLU A 80 -7.69 -0.82 28.42
N PHE A 81 -7.14 -1.29 29.53
CA PHE A 81 -7.80 -2.30 30.35
C PHE A 81 -7.86 -1.84 31.80
N ARG A 82 -8.90 -2.29 32.50
CA ARG A 82 -9.04 -2.06 33.93
C ARG A 82 -9.59 -3.32 34.58
N VAL A 83 -9.17 -3.56 35.82
CA VAL A 83 -9.48 -4.78 36.56
C VAL A 83 -10.42 -4.44 37.71
N LEU A 84 -11.40 -5.31 37.95
CA LEU A 84 -12.35 -5.17 39.04
C LEU A 84 -12.20 -6.35 39.99
N ALA A 85 -12.32 -6.06 41.29
CA ALA A 85 -12.18 -7.06 42.34
C ALA A 85 -13.53 -7.33 42.99
N SER A 86 -13.87 -8.60 43.16
CA SER A 86 -15.17 -9.00 43.67
C SER A 86 -14.99 -9.99 44.81
N ASN A 87 -15.87 -9.90 45.81
CA ASN A 87 -15.89 -10.86 46.91
C ASN A 87 -17.34 -11.23 47.16
N ALA A 88 -17.58 -11.91 48.29
CA ALA A 88 -18.93 -12.32 48.65
C ALA A 88 -19.86 -11.14 48.89
N VAL A 89 -19.32 -9.97 49.21
CA VAL A 89 -20.17 -8.80 49.46
C VAL A 89 -20.62 -8.17 48.14
N GLY A 90 -19.68 -7.98 47.22
CA GLY A 90 -20.01 -7.35 45.96
C GLY A 90 -18.78 -7.19 45.08
N THR A 91 -18.90 -6.28 44.12
CA THR A 91 -17.82 -5.98 43.18
C THR A 91 -17.30 -4.57 43.44
N GLY A 92 -16.00 -4.47 43.67
CA GLY A 92 -15.40 -3.19 44.01
C GLY A 92 -15.33 -2.26 42.82
N GLU A 93 -14.79 -1.06 43.09
CA GLU A 93 -14.69 -0.04 42.07
C GLU A 93 -13.67 -0.46 41.01
N PRO A 94 -13.89 -0.09 39.75
CA PRO A 94 -12.91 -0.40 38.71
C PRO A 94 -11.56 0.22 39.01
N SER A 95 -10.50 -0.47 38.58
CA SER A 95 -9.16 0.06 38.68
C SER A 95 -8.94 1.23 37.72
N LYS A 96 -7.86 1.95 37.95
CA LYS A 96 -7.43 2.95 36.99
C LYS A 96 -6.85 2.24 35.76
N PRO A 97 -7.09 2.77 34.57
CA PRO A 97 -6.79 2.01 33.34
C PRO A 97 -5.31 1.80 33.14
N SER A 98 -4.99 0.71 32.43
CA SER A 98 -3.64 0.43 32.01
C SER A 98 -3.21 1.43 30.94
N LYS A 99 -1.89 1.52 30.73
CA LYS A 99 -1.39 2.36 29.67
C LYS A 99 -1.84 1.80 28.32
N LYS A 100 -2.25 2.70 27.43
CA LYS A 100 -2.84 2.30 26.16
C LYS A 100 -1.85 1.49 25.32
N ALA A 101 -2.36 0.43 24.71
CA ALA A 101 -1.56 -0.44 23.86
C ALA A 101 -2.44 -0.98 22.74
N ARG A 102 -1.88 -1.01 21.53
CA ARG A 102 -2.61 -1.44 20.35
C ARG A 102 -2.31 -2.91 20.08
N THR A 103 -3.36 -3.65 19.72
CA THR A 103 -3.17 -5.04 19.36
C THR A 103 -2.36 -5.15 18.06
N LYS A 104 -1.66 -6.28 17.91
CA LYS A 104 -0.86 -6.50 16.72
C LYS A 104 -1.76 -6.88 15.55
N ASP A 105 -1.15 -6.95 14.37
CA ASP A 105 -1.92 -6.96 13.14
C ASP A 105 -1.93 -8.33 12.47
N THR A 106 -2.95 -8.55 11.65
CA THR A 106 -3.09 -9.68 10.73
C THR A 106 -3.56 -9.15 9.40
N VAL A 107 -3.90 -10.04 8.47
CA VAL A 107 -4.42 -9.63 7.18
C VAL A 107 -5.86 -9.18 7.37
N PRO A 108 -6.38 -8.24 6.57
CA PRO A 108 -7.79 -7.89 6.68
C PRO A 108 -8.68 -9.05 6.29
N LYS A 109 -9.88 -9.08 6.88
CA LYS A 109 -10.83 -10.15 6.64
C LYS A 109 -12.09 -9.71 5.91
N VAL A 110 -12.44 -8.43 5.97
CA VAL A 110 -13.59 -7.92 5.23
C VAL A 110 -13.14 -7.48 3.84
N THR A 111 -14.11 -7.40 2.90
CA THR A 111 -13.90 -6.86 1.56
C THR A 111 -14.43 -5.44 1.49
N PRO A 112 -13.87 -4.59 0.62
CA PRO A 112 -14.42 -3.24 0.45
C PRO A 112 -15.87 -3.30 0.00
N ALA A 113 -16.70 -2.45 0.60
CA ALA A 113 -18.14 -2.48 0.38
C ALA A 113 -18.56 -1.59 -0.78
N ASN A 114 -19.68 -1.95 -1.40
CA ASN A 114 -20.31 -1.14 -2.45
C ASN A 114 -19.34 -0.84 -3.59
N VAL A 115 -18.67 -1.89 -4.08
CA VAL A 115 -17.84 -1.73 -5.26
C VAL A 115 -18.74 -1.34 -6.42
N SER A 116 -18.31 -0.33 -7.18
CA SER A 116 -19.12 0.18 -8.29
C SER A 116 -18.20 0.89 -9.28
N GLY A 117 -18.79 1.63 -10.21
CA GLY A 117 -18.02 2.32 -11.22
C GLY A 117 -18.91 2.92 -12.27
N GLY A 118 -18.27 3.57 -13.23
CA GLY A 118 -18.93 4.21 -14.34
C GLY A 118 -18.58 5.69 -14.46
N GLY A 119 -18.99 6.27 -15.58
CA GLY A 119 -18.79 7.70 -15.80
C GLY A 119 -17.32 8.04 -16.06
N GLY A 120 -17.04 9.34 -15.98
CA GLY A 120 -15.71 9.86 -16.23
C GLY A 120 -15.58 10.58 -17.56
N SER A 121 -14.34 10.92 -17.88
CA SER A 121 -13.99 11.70 -19.06
C SER A 121 -13.59 10.75 -20.19
N ARG A 122 -13.06 11.29 -21.29
CA ARG A 122 -12.81 10.49 -22.48
C ARG A 122 -11.81 9.37 -22.20
N SER A 123 -12.12 8.17 -22.69
CA SER A 123 -11.26 6.99 -22.61
C SER A 123 -10.75 6.75 -21.19
N GLU A 124 -11.68 6.74 -20.24
CA GLU A 124 -11.39 6.41 -18.84
C GLU A 124 -12.29 5.28 -18.38
N LEU A 125 -11.79 4.52 -17.41
CA LEU A 125 -12.58 3.56 -16.65
C LEU A 125 -12.51 3.98 -15.19
N VAL A 126 -13.66 4.21 -14.56
CA VAL A 126 -13.76 4.69 -13.20
C VAL A 126 -14.27 3.57 -12.32
N ILE A 127 -13.50 3.21 -11.30
CA ILE A 127 -13.86 2.18 -10.32
C ILE A 127 -13.96 2.85 -8.96
N THR A 128 -15.00 2.48 -8.21
CA THR A 128 -15.22 3.07 -6.89
C THR A 128 -15.54 1.98 -5.88
N TRP A 129 -15.27 2.30 -4.62
CA TRP A 129 -15.58 1.41 -3.51
C TRP A 129 -15.68 2.24 -2.24
N GLU A 130 -16.21 1.63 -1.23
CA GLU A 130 -16.30 2.28 0.06
C GLU A 130 -15.04 1.94 0.87
N PRO A 131 -14.31 2.94 1.35
CA PRO A 131 -13.07 2.66 2.10
C PRO A 131 -13.36 1.82 3.33
N VAL A 132 -12.44 0.91 3.63
CA VAL A 132 -12.59 0.03 4.79
C VAL A 132 -12.43 0.84 6.07
N PRO A 133 -13.37 0.77 7.01
CA PRO A 133 -13.25 1.58 8.22
C PRO A 133 -12.02 1.18 9.04
N GLU A 134 -11.56 2.15 9.84
CA GLU A 134 -10.28 2.00 10.54
C GLU A 134 -10.26 0.78 11.44
N GLU A 135 -11.38 0.48 12.10
CA GLU A 135 -11.40 -0.67 13.01
C GLU A 135 -11.24 -1.99 12.27
N LEU A 136 -11.59 -2.04 10.99
CA LEU A 136 -11.52 -3.27 10.22
C LEU A 136 -10.28 -3.37 9.35
N GLN A 137 -9.34 -2.42 9.45
CA GLN A 137 -8.14 -2.46 8.63
C GLN A 137 -7.15 -3.51 9.11
N ASN A 138 -7.14 -3.81 10.41
CA ASN A 138 -6.37 -4.89 11.01
C ASN A 138 -4.86 -4.74 10.81
N GLY A 139 -4.36 -3.58 10.41
CA GLY A 139 -2.93 -3.41 10.27
C GLY A 139 -2.56 -2.14 9.55
N ALA A 140 -1.27 -1.80 9.67
CA ALA A 140 -0.71 -0.63 8.98
C ALA A 140 -0.40 -0.96 7.53
N GLY A 141 -0.12 0.09 6.75
CA GLY A 141 0.13 -0.07 5.34
C GLY A 141 -1.08 -0.56 4.57
N PHE A 142 -2.25 -0.07 4.93
CA PHE A 142 -3.50 -0.54 4.34
C PHE A 142 -3.68 0.05 2.95
N GLY A 143 -4.17 -0.78 2.03
CA GLY A 143 -4.45 -0.32 0.69
C GLY A 143 -5.44 -1.23 0.01
N TYR A 144 -5.57 -1.04 -1.30
CA TYR A 144 -6.53 -1.79 -2.09
C TYR A 144 -5.87 -2.33 -3.35
N VAL A 145 -6.40 -3.44 -3.84
CA VAL A 145 -5.98 -4.02 -5.10
C VAL A 145 -7.20 -4.04 -6.02
N VAL A 146 -7.08 -3.36 -7.15
CA VAL A 146 -8.15 -3.25 -8.15
C VAL A 146 -7.87 -4.25 -9.26
N ALA A 147 -8.89 -5.00 -9.68
CA ALA A 147 -8.76 -5.98 -10.75
C ALA A 147 -9.91 -5.83 -11.73
N PHE A 148 -9.60 -5.68 -13.01
CA PHE A 148 -10.65 -5.43 -13.99
C PHE A 148 -10.23 -5.99 -15.35
N ARG A 149 -11.23 -6.21 -16.21
CA ARG A 149 -10.90 -6.74 -17.52
C ARG A 149 -12.07 -6.52 -18.47
N PRO A 150 -11.81 -6.28 -19.76
CA PRO A 150 -12.85 -5.97 -20.74
C PRO A 150 -13.74 -7.16 -21.06
N SER A 153 -12.21 -11.37 -22.40
CA SER A 153 -10.82 -11.53 -21.96
C SER A 153 -10.69 -12.45 -20.75
N THR A 154 -9.51 -13.03 -20.58
CA THR A 154 -9.23 -13.88 -19.42
C THR A 154 -8.19 -13.32 -18.49
N GLY A 155 -7.28 -12.48 -18.98
CA GLY A 155 -6.30 -11.87 -18.11
C GLY A 155 -6.92 -10.74 -17.32
N TRP A 156 -6.60 -10.71 -16.03
CA TRP A 156 -7.00 -9.61 -15.17
C TRP A 156 -5.99 -8.47 -15.28
N MET A 157 -6.49 -7.24 -15.29
CA MET A 157 -5.65 -6.05 -15.18
C MET A 157 -5.71 -5.55 -13.74
N GLN A 158 -4.55 -5.36 -13.13
CA GLN A 158 -4.50 -5.12 -11.69
C GLN A 158 -3.54 -3.99 -11.36
N ALA A 159 -3.88 -3.27 -10.28
CA ALA A 159 -3.03 -2.22 -9.72
C ALA A 159 -3.25 -2.16 -8.22
N ALA A 160 -2.19 -1.91 -7.48
CA ALA A 160 -2.27 -1.69 -6.05
C ALA A 160 -2.47 -0.21 -5.78
N VAL A 161 -3.46 0.12 -4.96
CA VAL A 161 -3.76 1.51 -4.63
C VAL A 161 -3.40 1.72 -3.17
N PRO A 162 -2.18 2.19 -2.86
CA PRO A 162 -1.70 2.25 -1.47
C PRO A 162 -2.13 3.50 -0.70
N SER A 163 -3.41 3.56 -0.36
CA SER A 163 -3.96 4.64 0.44
C SER A 163 -5.18 4.11 1.18
N PRO A 164 -5.16 4.10 2.52
CA PRO A 164 -6.29 3.51 3.25
C PRO A 164 -7.63 4.15 2.92
N GLU A 165 -7.66 5.46 2.73
CA GLU A 165 -8.91 6.17 2.51
C GLU A 165 -9.20 6.43 1.05
N ALA A 166 -8.39 5.91 0.13
CA ALA A 166 -8.73 5.94 -1.28
C ALA A 166 -10.05 5.21 -1.50
N SER A 167 -10.89 5.78 -2.37
CA SER A 167 -12.21 5.22 -2.67
C SER A 167 -12.49 5.15 -4.16
N LYS A 168 -11.50 5.46 -4.99
CA LYS A 168 -11.69 5.55 -6.43
C LYS A 168 -10.40 5.17 -7.13
N TYR A 169 -10.52 4.58 -8.32
CA TYR A 169 -9.38 4.38 -9.20
C TYR A 169 -9.81 4.66 -10.63
N VAL A 170 -9.04 5.48 -11.34
CA VAL A 170 -9.36 5.90 -12.69
C VAL A 170 -8.28 5.36 -13.62
N PHE A 171 -8.68 4.47 -14.53
CA PHE A 171 -7.78 3.94 -15.54
C PHE A 171 -7.97 4.74 -16.83
N LYS A 172 -6.94 5.47 -17.24
CA LYS A 172 -6.98 6.24 -18.47
C LYS A 172 -6.01 5.62 -19.47
N ASN A 173 -6.57 5.14 -20.59
CA ASN A 173 -5.81 4.46 -21.62
C ASN A 173 -6.58 4.60 -22.92
N GLU A 174 -5.86 4.90 -23.99
CA GLU A 174 -6.50 5.19 -25.27
C GLU A 174 -7.09 3.95 -25.93
N THR A 175 -6.76 2.75 -25.45
CA THR A 175 -7.36 1.54 -25.98
C THR A 175 -8.69 1.19 -25.31
N ILE A 176 -9.14 2.01 -24.36
CA ILE A 176 -10.45 1.82 -23.74
C ILE A 176 -11.52 2.29 -24.71
N LEU A 177 -12.42 1.39 -25.08
CA LEU A 177 -13.54 1.76 -25.95
C LEU A 177 -14.60 2.52 -25.15
N PRO A 178 -15.33 3.44 -25.79
CA PRO A 178 -16.37 4.19 -25.07
C PRO A 178 -17.54 3.30 -24.68
N PHE A 179 -17.96 3.40 -23.41
CA PHE A 179 -19.12 2.69 -22.88
C PHE A 179 -19.02 1.19 -23.14
N SER A 180 -17.85 0.63 -22.88
CA SER A 180 -17.60 -0.81 -23.05
C SER A 180 -17.69 -1.54 -21.73
N PRO A 181 -18.22 -2.77 -21.73
CA PRO A 181 -18.39 -3.48 -20.45
C PRO A 181 -17.07 -3.93 -19.86
N PHE A 182 -16.99 -3.86 -18.54
CA PHE A 182 -15.82 -4.30 -17.78
C PHE A 182 -16.28 -5.05 -16.55
N GLN A 183 -15.62 -6.18 -16.28
CA GLN A 183 -15.77 -6.85 -15.00
C GLN A 183 -14.72 -6.32 -14.03
N VAL A 184 -15.09 -6.21 -12.75
CA VAL A 184 -14.22 -5.59 -11.76
C VAL A 184 -14.45 -6.23 -10.39
N LYS A 185 -13.36 -6.48 -9.68
CA LYS A 185 -13.38 -6.90 -8.29
C LYS A 185 -12.29 -6.16 -7.55
N VAL A 186 -12.52 -5.91 -6.25
CA VAL A 186 -11.60 -5.13 -5.43
C VAL A 186 -11.38 -5.86 -4.12
N GLY A 187 -10.11 -5.89 -3.68
CA GLY A 187 -9.77 -6.42 -2.38
C GLY A 187 -8.83 -5.47 -1.65
N ALA A 188 -8.66 -5.75 -0.36
CA ALA A 188 -7.84 -4.92 0.52
C ALA A 188 -6.57 -5.68 0.93
N TYR A 189 -5.62 -4.93 1.48
CA TYR A 189 -4.37 -5.52 1.97
C TYR A 189 -3.78 -4.62 3.04
N ASN A 190 -2.78 -5.14 3.74
CA ASN A 190 -1.98 -4.35 4.67
C ASN A 190 -0.60 -4.98 4.77
N ASN A 191 0.16 -4.59 5.81
CA ASN A 191 1.53 -5.07 5.95
C ASN A 191 1.60 -6.59 6.05
N LYS A 192 0.55 -7.23 6.57
CA LYS A 192 0.60 -8.66 6.83
C LYS A 192 0.23 -9.52 5.63
N GLY A 193 -0.45 -8.97 4.64
CA GLY A 193 -0.79 -9.72 3.45
C GLY A 193 -2.12 -9.27 2.88
N GLU A 194 -2.69 -10.15 2.05
CA GLU A 194 -3.86 -9.81 1.26
C GLU A 194 -5.16 -10.19 1.96
N GLY A 195 -6.18 -9.35 1.78
CA GLY A 195 -7.52 -9.68 2.16
C GLY A 195 -8.23 -10.39 1.02
N PRO A 196 -9.47 -10.81 1.24
CA PRO A 196 -10.24 -11.45 0.18
C PRO A 196 -10.77 -10.44 -0.82
N PHE A 197 -10.92 -10.89 -2.06
CA PHE A 197 -11.58 -10.07 -3.07
C PHE A 197 -13.09 -10.18 -2.94
N GLY A 198 -13.77 -9.07 -3.24
CA GLY A 198 -15.21 -9.07 -3.28
C GLY A 198 -15.73 -9.65 -4.58
N PRO A 199 -17.06 -9.66 -4.70
CA PRO A 199 -17.67 -10.28 -5.87
C PRO A 199 -17.39 -9.49 -7.14
N VAL A 200 -17.25 -10.22 -8.24
CA VAL A 200 -17.10 -9.58 -9.54
C VAL A 200 -18.39 -8.88 -9.91
N ILE A 201 -18.30 -7.61 -10.28
CA ILE A 201 -19.44 -6.85 -10.76
C ILE A 201 -19.10 -6.26 -12.12
N THR A 202 -20.10 -5.69 -12.77
CA THR A 202 -19.98 -5.12 -14.10
C THR A 202 -20.12 -3.61 -14.03
N ILE A 203 -19.16 -2.91 -14.65
CA ILE A 203 -19.19 -1.46 -14.80
C ILE A 203 -18.96 -1.13 -16.27
N TYR A 204 -19.21 0.11 -16.64
CA TYR A 204 -19.04 0.56 -18.01
C TYR A 204 -18.10 1.75 -18.03
N SER A 205 -17.29 1.83 -19.09
CA SER A 205 -16.38 2.95 -19.24
C SER A 205 -17.14 4.21 -19.62
N ALA A 206 -16.43 5.33 -19.63
CA ALA A 206 -17.06 6.59 -19.91
C ALA A 206 -17.39 6.71 -21.39
N GLU A 207 -18.42 7.50 -21.67
CA GLU A 207 -18.79 7.87 -23.02
C GLU A 207 -17.63 8.54 -23.70
N VAL A 231 0.47 9.85 -28.76
CA VAL A 231 1.02 8.68 -29.45
C VAL A 231 2.13 8.03 -28.64
N ALA A 232 2.98 8.84 -28.00
CA ALA A 232 4.07 8.32 -27.19
C ALA A 232 4.13 9.08 -25.86
N GLU A 233 4.75 8.43 -24.88
CA GLU A 233 4.87 9.00 -23.54
C GLU A 233 6.09 9.92 -23.47
N PRO A 234 6.00 11.04 -22.76
CA PRO A 234 7.16 11.94 -22.64
C PRO A 234 8.34 11.25 -21.93
N GLN A 235 9.50 11.31 -22.56
CA GLN A 235 10.70 10.66 -22.05
C GLN A 235 11.93 11.47 -22.46
N VAL A 236 12.96 11.41 -21.62
CA VAL A 236 14.25 12.01 -21.93
C VAL A 236 15.32 10.95 -21.77
N ALA A 237 16.43 11.12 -22.49
CA ALA A 237 17.52 10.17 -22.47
C ALA A 237 18.84 10.92 -22.48
N MET A 238 19.86 10.35 -21.86
CA MET A 238 21.09 11.08 -21.65
C MET A 238 22.30 10.20 -21.87
N PHE A 239 23.34 10.81 -22.41
CA PHE A 239 24.60 10.14 -22.70
C PHE A 239 25.67 11.22 -22.63
N CYS A 240 26.49 11.19 -21.59
CA CYS A 240 27.37 12.32 -21.31
C CYS A 240 28.32 12.58 -22.47
N GLY A 241 28.60 13.85 -22.70
CA GLY A 241 29.32 14.29 -23.87
C GLY A 241 28.45 14.57 -25.06
N LYS A 242 27.19 14.15 -25.04
CA LYS A 242 26.30 14.33 -26.18
C LYS A 242 25.03 15.03 -25.75
N LEU A 243 24.39 15.70 -26.72
CA LEU A 243 23.15 16.40 -26.44
C LEU A 243 22.07 15.43 -25.99
N ASN A 244 21.32 15.82 -24.96
CA ASN A 244 20.21 15.01 -24.47
C ASN A 244 19.19 14.82 -25.59
N MET A 245 18.52 13.67 -25.55
CA MET A 245 17.43 13.39 -26.47
C MET A 245 16.12 13.30 -25.70
N HIS A 246 15.04 13.59 -26.40
CA HIS A 246 13.69 13.48 -25.85
C HIS A 246 12.79 12.98 -26.94
N ILE A 247 11.65 12.42 -26.54
CA ILE A 247 10.68 11.85 -27.48
C ILE A 247 9.73 12.94 -27.94
N ASN A 248 9.47 12.97 -29.25
CA ASN A 248 8.39 13.79 -29.80
C ASN A 248 7.07 13.04 -29.57
N ILE A 249 6.16 13.65 -28.82
CA ILE A 249 4.92 12.96 -28.44
C ILE A 249 4.11 12.58 -29.67
N GLN A 250 4.05 13.46 -30.67
CA GLN A 250 3.26 13.16 -31.87
C GLN A 250 3.96 12.14 -32.75
N THR A 251 5.19 12.45 -33.18
CA THR A 251 5.87 11.59 -34.14
C THR A 251 6.32 10.28 -33.51
N GLY A 252 6.72 10.32 -32.23
CA GLY A 252 7.33 9.17 -31.59
C GLY A 252 8.80 9.02 -31.87
N ARG A 253 9.44 10.02 -32.46
CA ARG A 253 10.86 9.96 -32.80
C ARG A 253 11.67 10.74 -31.77
N TRP A 254 12.91 10.31 -31.59
CA TRP A 254 13.82 10.97 -30.66
C TRP A 254 14.46 12.18 -31.32
N GLU A 255 14.42 13.32 -30.65
CA GLU A 255 14.91 14.58 -31.18
C GLU A 255 15.93 15.20 -30.21
N PRO A 256 16.93 15.91 -30.73
CA PRO A 256 17.98 16.43 -29.86
C PRO A 256 17.51 17.61 -29.03
N ASP A 257 18.37 18.01 -28.10
CA ASP A 257 18.11 19.12 -27.20
C ASP A 257 17.82 20.40 -27.99
N PRO A 258 16.67 21.04 -27.80
CA PRO A 258 16.34 22.21 -28.65
C PRO A 258 17.32 23.37 -28.54
N SER A 259 17.86 23.64 -27.36
CA SER A 259 18.83 24.72 -27.25
C SER A 259 20.19 24.34 -27.82
N GLY A 260 20.43 23.06 -28.10
CA GLY A 260 21.67 22.62 -28.70
C GLY A 260 22.88 22.70 -27.80
N SER A 261 22.68 22.78 -26.47
CA SER A 261 23.81 22.91 -25.55
C SER A 261 23.75 21.99 -24.34
N LYS A 262 22.59 21.43 -23.98
CA LYS A 262 22.44 20.70 -22.72
C LYS A 262 22.78 19.22 -22.91
N THR A 263 23.76 18.75 -22.14
CA THR A 263 24.13 17.35 -22.08
C THR A 263 23.68 16.78 -20.72
N CYS A 264 24.27 15.65 -20.33
CA CYS A 264 23.76 14.89 -19.19
C CYS A 264 23.80 15.70 -17.90
N VAL A 265 22.85 15.41 -17.02
CA VAL A 265 22.70 16.13 -15.77
C VAL A 265 23.29 15.30 -14.64
N GLY A 266 23.43 15.93 -13.47
CA GLY A 266 24.06 15.28 -12.33
C GLY A 266 23.12 14.68 -11.30
N THR A 267 21.87 15.16 -11.24
CA THR A 267 20.95 14.73 -10.19
C THR A 267 19.62 14.32 -10.80
N LYS A 268 18.90 13.47 -10.06
CA LYS A 268 17.55 13.10 -10.46
C LYS A 268 16.64 14.32 -10.54
N GLU A 269 16.84 15.32 -9.68
CA GLU A 269 16.08 16.55 -9.82
C GLU A 269 16.40 17.28 -11.12
N GLY A 270 17.65 17.17 -11.57
CA GLY A 270 18.02 17.75 -12.85
C GLY A 270 17.29 17.09 -14.01
N VAL A 271 17.10 15.77 -13.94
CA VAL A 271 16.30 15.08 -14.94
C VAL A 271 14.87 15.60 -14.94
N LEU A 272 14.31 15.80 -13.74
CA LEU A 272 12.95 16.34 -13.63
C LEU A 272 12.87 17.73 -14.26
N GLN A 273 13.85 18.59 -13.96
CA GLN A 273 13.86 19.93 -14.52
C GLN A 273 13.99 19.90 -16.04
N TYR A 274 14.84 19.00 -16.55
CA TYR A 274 14.97 18.88 -18.00
C TYR A 274 13.65 18.44 -18.64
N CYS A 275 12.95 17.50 -17.99
CA CYS A 275 11.61 17.12 -18.45
C CYS A 275 10.70 18.34 -18.57
N GLN A 276 10.64 19.16 -17.50
CA GLN A 276 9.75 20.30 -17.51
CA GLN A 276 9.76 20.33 -17.49
C GLN A 276 10.13 21.31 -18.59
N GLU A 277 11.43 21.45 -18.87
CA GLU A 277 11.86 22.33 -19.97
C GLU A 277 11.43 21.77 -21.31
N ILE A 278 11.53 20.45 -21.49
CA ILE A 278 11.28 19.84 -22.78
C ILE A 278 9.78 19.79 -23.09
N TYR A 279 8.95 19.53 -22.08
CA TYR A 279 7.50 19.45 -22.24
C TYR A 279 6.82 20.55 -21.41
N PRO A 280 6.89 21.80 -21.87
CA PRO A 280 6.29 22.89 -21.10
C PRO A 280 4.78 22.83 -21.05
N GLU A 281 4.13 22.15 -21.99
CA GLU A 281 2.69 21.96 -21.98
C GLU A 281 2.23 20.96 -20.93
N LEU A 282 3.15 20.24 -20.31
CA LEU A 282 2.80 19.27 -19.29
C LEU A 282 3.22 19.77 -17.92
N GLN A 283 2.58 19.19 -16.89
CA GLN A 283 2.93 19.41 -15.49
C GLN A 283 3.73 18.19 -15.05
N ILE A 284 5.06 18.32 -15.02
CA ILE A 284 5.94 17.22 -14.67
C ILE A 284 6.17 17.24 -13.16
N THR A 285 5.90 16.10 -12.50
CA THR A 285 5.97 16.02 -11.04
C THR A 285 6.97 14.99 -10.53
N ASN A 286 7.52 14.13 -11.39
CA ASN A 286 8.50 13.14 -10.97
C ASN A 286 9.13 12.55 -12.23
N VAL A 287 10.15 11.71 -12.02
CA VAL A 287 10.77 10.94 -13.09
C VAL A 287 11.09 9.55 -12.57
N VAL A 288 11.17 8.59 -13.50
CA VAL A 288 11.53 7.22 -13.15
C VAL A 288 12.12 6.56 -14.39
N GLU A 289 13.15 5.73 -14.17
CA GLU A 289 13.73 4.96 -15.27
C GLU A 289 12.66 4.14 -15.97
N ALA A 290 12.70 4.13 -17.31
CA ALA A 290 11.93 3.14 -18.04
C ALA A 290 12.43 1.74 -17.69
N ASN A 291 11.54 0.76 -17.81
CA ASN A 291 11.91 -0.59 -17.42
C ASN A 291 12.77 -1.30 -18.45
N GLN A 292 12.92 -0.74 -19.66
CA GLN A 292 13.71 -1.39 -20.69
C GLN A 292 14.61 -0.38 -21.38
N PRO A 293 15.77 -0.81 -21.87
CA PRO A 293 16.62 0.09 -22.68
C PRO A 293 16.04 0.26 -24.08
N VAL A 294 16.52 1.31 -24.74
CA VAL A 294 16.07 1.63 -26.10
C VAL A 294 17.27 2.11 -26.91
N LYS A 295 17.41 1.58 -28.13
CA LYS A 295 18.46 2.01 -29.04
C LYS A 295 18.03 3.33 -29.70
N ILE A 296 18.74 4.40 -29.38
CA ILE A 296 18.40 5.75 -29.85
C ILE A 296 19.41 6.17 -30.90
N GLU A 297 18.92 6.58 -32.06
CA GLU A 297 19.78 6.96 -33.17
C GLU A 297 20.07 8.45 -33.16
N ASN A 298 21.19 8.82 -33.80
CA ASN A 298 21.51 10.20 -34.15
C ASN A 298 21.87 11.05 -32.93
N TRP A 299 22.60 10.47 -31.99
CA TRP A 299 23.20 11.29 -30.94
C TRP A 299 24.25 12.20 -31.56
N CYS A 300 24.31 13.43 -31.08
CA CYS A 300 25.25 14.43 -31.58
C CYS A 300 26.12 14.93 -30.43
N LYS A 301 27.43 14.97 -30.68
CA LYS A 301 28.34 15.48 -29.66
C LYS A 301 28.09 16.95 -29.39
N LYS A 302 28.08 17.30 -28.11
CA LYS A 302 28.06 18.70 -27.71
C LYS A 302 29.27 19.43 -28.27
N ASP A 303 29.07 20.70 -28.62
CA ASP A 303 30.15 21.57 -29.09
C ASP A 303 30.89 20.98 -30.28
N LYS A 304 30.14 20.40 -31.22
CA LYS A 304 30.69 19.95 -32.50
C LYS A 304 29.83 20.53 -33.62
N LYS A 305 30.45 21.32 -34.50
CA LYS A 305 29.71 22.03 -35.53
C LYS A 305 29.05 21.08 -36.52
N GLN A 306 29.66 19.93 -36.78
CA GLN A 306 29.08 18.90 -37.62
C GLN A 306 28.96 17.61 -36.82
N CYS A 307 27.84 16.91 -36.99
CA CYS A 307 27.51 15.74 -36.18
C CYS A 307 27.34 14.52 -37.07
N LYS A 308 28.30 13.60 -36.98
CA LYS A 308 28.08 12.25 -37.51
C LYS A 308 27.23 11.49 -36.51
N GLY A 309 25.99 11.19 -36.88
CA GLY A 309 25.09 10.56 -35.94
C GLY A 309 25.61 9.22 -35.45
N HIS A 310 25.26 8.89 -34.22
CA HIS A 310 25.65 7.63 -33.60
C HIS A 310 24.46 7.06 -32.83
N ALA A 311 24.36 5.74 -32.84
CA ALA A 311 23.33 5.04 -32.07
C ALA A 311 23.89 4.69 -30.70
N HIS A 312 23.04 4.80 -29.69
CA HIS A 312 23.41 4.38 -28.34
C HIS A 312 22.21 3.74 -27.66
N ILE A 313 22.47 2.66 -26.94
CA ILE A 313 21.45 1.97 -26.17
C ILE A 313 21.53 2.48 -24.74
N VAL A 314 20.47 3.16 -24.29
CA VAL A 314 20.41 3.74 -22.95
C VAL A 314 19.04 3.44 -22.35
N VAL A 315 18.97 3.55 -21.02
CA VAL A 315 17.70 3.52 -20.30
C VAL A 315 17.19 4.96 -20.20
N PRO A 316 16.08 5.30 -20.83
CA PRO A 316 15.55 6.66 -20.72
C PRO A 316 14.77 6.84 -19.43
N TYR A 317 14.42 8.09 -19.15
CA TYR A 317 13.63 8.47 -17.99
C TYR A 317 12.25 8.89 -18.45
N LYS A 318 11.23 8.25 -17.87
CA LYS A 318 9.86 8.70 -18.11
C LYS A 318 9.60 9.98 -17.32
N CYS A 319 9.04 10.98 -17.98
CA CYS A 319 8.61 12.21 -17.32
C CYS A 319 7.18 12.02 -16.81
N LEU A 320 7.03 11.84 -15.49
CA LEU A 320 5.71 11.61 -14.91
C LEU A 320 4.96 12.92 -14.71
N VAL A 321 3.65 12.89 -14.94
CA VAL A 321 2.85 14.11 -14.95
C VAL A 321 1.71 13.97 -13.95
N GLY A 322 1.29 15.10 -13.42
CA GLY A 322 0.18 15.20 -12.49
C GLY A 322 0.35 14.30 -11.28
N GLU A 323 -0.79 13.88 -10.73
CA GLU A 323 -0.79 13.01 -9.56
C GLU A 323 -0.28 11.62 -9.93
N PHE A 324 0.51 11.02 -9.03
CA PHE A 324 1.02 9.69 -9.28
C PHE A 324 -0.11 8.66 -9.20
N VAL A 325 -0.19 7.81 -10.22
CA VAL A 325 -1.16 6.72 -10.29
C VAL A 325 -0.39 5.43 -10.55
N SER A 326 -0.65 4.41 -9.71
CA SER A 326 0.00 3.11 -9.91
C SER A 326 -0.31 2.54 -11.28
N ASP A 327 0.72 2.01 -11.94
CA ASP A 327 0.54 1.40 -13.25
C ASP A 327 -0.46 0.25 -13.17
N VAL A 328 -1.18 0.04 -14.27
CA VAL A 328 -1.98 -1.16 -14.45
C VAL A 328 -1.10 -2.23 -15.08
N LEU A 329 -1.07 -3.40 -14.47
CA LEU A 329 -0.26 -4.51 -14.97
C LEU A 329 -1.19 -5.62 -15.45
N LEU A 330 -1.04 -6.01 -16.72
CA LEU A 330 -1.75 -7.17 -17.23
C LEU A 330 -1.27 -8.42 -16.52
N VAL A 331 -2.21 -9.24 -16.05
CA VAL A 331 -1.86 -10.49 -15.39
C VAL A 331 -2.49 -11.64 -16.17
N PRO A 332 -1.75 -12.24 -17.12
CA PRO A 332 -2.25 -13.44 -17.81
C PRO A 332 -2.61 -14.51 -16.81
N GLU A 333 -3.60 -15.35 -17.18
CA GLU A 333 -4.14 -16.31 -16.22
C GLU A 333 -3.10 -17.30 -15.73
N LYS A 334 -1.98 -17.48 -16.43
CA LYS A 334 -0.91 -18.33 -15.94
C LYS A 334 -0.09 -17.67 -14.85
N CYS A 335 -0.21 -16.35 -14.69
CA CYS A 335 0.69 -15.55 -13.88
C CYS A 335 -0.02 -15.03 -12.62
N LYS A 336 0.78 -14.45 -11.71
CA LYS A 336 0.30 -13.98 -10.43
C LYS A 336 0.80 -12.55 -10.17
N PHE A 337 -0.02 -11.78 -9.46
CA PHE A 337 0.23 -10.38 -9.18
C PHE A 337 0.66 -10.22 -7.73
N PHE A 338 1.80 -9.56 -7.51
CA PHE A 338 2.30 -9.29 -6.17
C PHE A 338 2.57 -7.81 -6.00
N HIS A 339 2.75 -7.40 -4.74
CA HIS A 339 3.10 -6.04 -4.39
C HIS A 339 3.67 -6.04 -2.98
N LYS A 340 4.70 -5.23 -2.77
CA LYS A 340 5.32 -5.05 -1.48
C LYS A 340 5.57 -3.56 -1.27
N GLU A 341 5.40 -3.10 -0.04
CA GLU A 341 5.74 -1.72 0.30
C GLU A 341 6.29 -1.68 1.71
N ARG A 342 7.07 -0.64 1.99
CA ARG A 342 7.63 -0.44 3.33
C ARG A 342 7.74 1.05 3.59
N MET A 343 7.16 1.52 4.69
CA MET A 343 7.23 2.93 5.02
C MET A 343 8.55 3.31 5.68
N ASP A 344 9.37 2.34 6.08
CA ASP A 344 10.61 2.62 6.77
C ASP A 344 11.77 2.92 5.82
N MET A 345 11.59 2.69 4.51
CA MET A 345 12.67 2.93 3.56
C MET A 345 12.11 3.49 2.27
N CYS A 346 12.81 4.50 1.75
CA CYS A 346 12.48 5.18 0.51
C CYS A 346 13.64 4.90 -0.45
N VAL A 347 13.43 3.99 -1.40
CA VAL A 347 14.52 3.47 -2.21
C VAL A 347 14.20 3.63 -3.69
N SER A 348 15.20 3.34 -4.51
CA SER A 348 15.22 3.70 -5.92
C SER A 348 14.45 2.68 -6.77
N HIS A 349 14.20 3.07 -8.02
CA HIS A 349 13.57 2.19 -8.98
C HIS A 349 14.42 0.96 -9.25
N GLN A 350 15.74 1.13 -9.39
CA GLN A 350 16.61 0.00 -9.65
C GLN A 350 16.57 -1.00 -8.51
N GLN A 351 16.44 -0.53 -7.28
CA GLN A 351 16.39 -1.43 -6.13
C GLN A 351 15.08 -2.21 -6.09
N TRP A 352 13.95 -1.56 -6.35
CA TRP A 352 12.68 -2.27 -6.39
C TRP A 352 12.66 -3.28 -7.52
N HIS A 353 13.33 -2.99 -8.63
CA HIS A 353 13.44 -3.96 -9.72
C HIS A 353 14.13 -5.23 -9.23
N GLY A 354 15.24 -5.08 -8.52
CA GLY A 354 15.92 -6.24 -7.96
C GLY A 354 15.08 -7.01 -6.95
N VAL A 355 14.24 -6.30 -6.20
CA VAL A 355 13.37 -6.97 -5.25
C VAL A 355 12.34 -7.82 -5.98
N ALA A 356 11.65 -7.21 -6.94
CA ALA A 356 10.65 -7.94 -7.72
C ALA A 356 11.29 -9.11 -8.47
N LYS A 357 12.46 -8.89 -9.06
CA LYS A 357 13.09 -9.94 -9.86
C LYS A 357 13.48 -11.13 -8.99
N GLU A 358 14.11 -10.87 -7.85
CA GLU A 358 14.50 -11.97 -6.98
CA GLU A 358 14.51 -11.95 -6.95
C GLU A 358 13.30 -12.62 -6.31
N ALA A 359 12.25 -11.84 -6.01
CA ALA A 359 11.06 -12.41 -5.39
C ALA A 359 10.41 -13.48 -6.25
N CYS A 360 10.76 -13.52 -7.53
CA CYS A 360 10.12 -14.47 -8.43
C CYS A 360 11.02 -15.59 -8.91
N SER A 361 12.34 -15.37 -8.94
CA SER A 361 13.23 -16.52 -9.05
C SER A 361 13.11 -17.41 -7.83
N LYS A 362 12.87 -16.82 -6.65
CA LYS A 362 12.63 -17.63 -5.45
C LYS A 362 11.30 -18.36 -5.51
N GLY A 363 10.37 -17.93 -6.35
CA GLY A 363 9.19 -18.69 -6.66
C GLY A 363 9.33 -19.60 -7.87
N ASN A 364 10.55 -19.71 -8.42
CA ASN A 364 10.83 -20.48 -9.63
C ASN A 364 9.99 -19.98 -10.81
N MET A 365 9.87 -18.66 -10.90
CA MET A 365 9.16 -18.00 -11.99
C MET A 365 10.04 -16.88 -12.54
N VAL A 366 9.49 -16.14 -13.50
CA VAL A 366 10.19 -15.09 -14.22
C VAL A 366 9.46 -13.77 -13.99
N LEU A 367 10.22 -12.68 -13.90
CA LEU A 367 9.63 -11.36 -13.74
C LEU A 367 9.03 -10.92 -15.09
N HIS A 368 7.71 -10.75 -15.12
CA HIS A 368 7.03 -10.36 -16.34
C HIS A 368 6.91 -8.85 -16.48
N SER A 369 6.53 -8.15 -15.42
CA SER A 369 6.40 -6.71 -15.45
C SER A 369 6.39 -6.20 -14.02
N TYR A 370 6.54 -4.89 -13.87
CA TYR A 370 6.56 -4.31 -12.53
C TYR A 370 6.36 -2.81 -12.65
N GLY A 371 6.00 -2.20 -11.52
CA GLY A 371 5.76 -0.77 -11.47
C GLY A 371 6.03 -0.25 -10.08
N MET A 372 6.18 1.07 -9.98
CA MET A 372 6.50 1.72 -8.72
C MET A 372 5.23 2.03 -7.94
N LEU A 373 5.34 1.96 -6.63
CA LEU A 373 4.26 2.35 -5.73
C LEU A 373 4.75 3.45 -4.80
N LEU A 374 3.90 4.44 -4.55
CA LEU A 374 4.07 5.37 -3.43
C LEU A 374 5.36 6.18 -3.52
N PRO A 375 5.42 7.18 -4.40
CA PRO A 375 6.61 8.03 -4.45
C PRO A 375 6.84 8.75 -3.12
N CYS A 376 8.10 8.82 -2.71
CA CYS A 376 8.51 9.50 -1.50
C CYS A 376 9.68 10.43 -1.77
N GLY A 377 10.08 10.55 -3.02
CA GLY A 377 11.09 11.49 -3.45
C GLY A 377 11.15 11.48 -4.96
N ILE A 378 12.13 12.18 -5.51
CA ILE A 378 12.34 12.18 -6.95
C ILE A 378 13.00 10.86 -7.35
N ASP A 379 12.25 10.03 -8.08
CA ASP A 379 12.69 8.69 -8.46
C ASP A 379 12.98 7.80 -7.23
N LYS A 380 12.15 7.95 -6.19
CA LYS A 380 12.28 7.12 -5.01
C LYS A 380 10.89 6.78 -4.49
N PHE A 381 10.71 5.52 -4.10
CA PHE A 381 9.38 4.98 -3.88
C PHE A 381 9.35 4.08 -2.66
N HIS A 382 8.17 3.94 -2.08
CA HIS A 382 7.95 3.11 -0.90
C HIS A 382 7.51 1.69 -1.22
N GLY A 383 7.32 1.34 -2.49
CA GLY A 383 6.86 -0.01 -2.80
C GLY A 383 6.91 -0.30 -4.28
N THR A 384 6.61 -1.56 -4.61
CA THR A 384 6.55 -1.99 -5.99
C THR A 384 5.46 -3.03 -6.16
N GLU A 385 4.83 -3.02 -7.33
CA GLU A 385 3.91 -4.05 -7.77
C GLU A 385 4.54 -4.79 -8.94
N TYR A 386 4.26 -6.08 -9.06
CA TYR A 386 4.88 -6.84 -10.14
C TYR A 386 4.08 -8.09 -10.45
N VAL A 387 4.27 -8.60 -11.66
CA VAL A 387 3.63 -9.81 -12.13
C VAL A 387 4.71 -10.83 -12.42
N CYS A 388 4.45 -12.09 -12.08
CA CYS A 388 5.40 -13.14 -12.35
C CYS A 388 4.72 -14.31 -13.02
N CYS A 389 5.39 -14.88 -14.01
CA CYS A 389 4.88 -15.89 -14.91
C CYS A 389 5.83 -17.07 -14.94
N PRO A 390 5.33 -18.26 -15.24
CA PRO A 390 6.24 -19.37 -15.50
C PRO A 390 7.06 -19.10 -16.74
N SER A 391 8.28 -19.64 -16.77
CA SER A 391 9.20 -19.38 -17.87
C SER A 391 8.79 -20.16 -19.10
N THR A 392 8.87 -19.50 -20.26
CA THR A 392 8.46 -20.09 -21.53
C THR A 392 9.62 -20.89 -22.12
N ARG A 393 9.47 -22.21 -22.14
CA ARG A 393 10.49 -23.12 -22.66
C ARG A 393 9.81 -24.40 -23.15
N PRO A 394 10.50 -25.18 -24.00
CA PRO A 394 10.01 -26.49 -24.40
C PRO A 394 10.58 -27.62 -23.54
#